data_9I70
#
_entry.id   9I70
#
_cell.length_a   82.271
_cell.length_b   112.487
_cell.length_c   62.646
_cell.angle_alpha   90.00
_cell.angle_beta   90.00
_cell.angle_gamma   90.00
#
_symmetry.space_group_name_H-M   'C 2 2 21'
#
loop_
_entity.id
_entity.type
_entity.pdbx_description
1 polymer '14-3-3 protein sigma'
2 polymer 'Estrogen receptor'
3 non-polymer 'CALCIUM ION'
4 non-polymer 2-chloranyl-~{N}-[4-[3-[(2,6-dimethylphenyl)amino]imidazo[1,2-a]pyridin-2-yl]phenyl]ethanamide
5 non-polymer 'CHLORIDE ION'
6 water water
#
loop_
_entity_poly.entity_id
_entity_poly.type
_entity_poly.pdbx_seq_one_letter_code
_entity_poly.pdbx_strand_id
1 'polypeptide(L)'
;GAMGSMERASLIQKAKLAEQAERYEDMAAFMKGAVEKGEELSCEERNLLSVAYKNVVGGQRAAWRVLSSIEQKSNEEGSE
EKGPEVREYREKVETELQGVCDTVLGLLDSHLIKEAGDAESRVFYLKMKGDYYRYLAEVATGDDKKRIIDSARSAYQEAM
DISKKEMPPTNPIRLGLALNFSVFHYEIANSPEEAISLAKTTFDEAMADLHTLSEDSYKDSTLIMQLLRDNLTLWT
;
A
2 'polypeptide(L)' FPA(TPO)V B
#
loop_
_chem_comp.id
_chem_comp.type
_chem_comp.name
_chem_comp.formula
A1I0X non-polymer 2-chloranyl-~{N}-[4-[3-[(2,6-dimethylphenyl)amino]imidazo[1,2-a]pyridin-2-yl]phenyl]ethanamide 'C23 H21 Cl N4 O'
CA non-polymer 'CALCIUM ION' 'Ca 2'
CL non-polymer 'CHLORIDE ION' 'Cl -1'
#
# COMPACT_ATOMS: atom_id res chain seq x y z
N GLY A 1 -0.33 16.12 19.61
CA GLY A 1 -1.18 14.99 19.30
C GLY A 1 -2.47 15.01 20.11
N ALA A 2 -3.60 15.09 19.40
CA ALA A 2 -4.91 15.04 20.03
C ALA A 2 -5.15 13.74 20.79
N MET A 3 -4.43 12.67 20.45
CA MET A 3 -4.57 11.40 21.15
C MET A 3 -3.58 11.22 22.28
N GLY A 4 -2.80 12.26 22.60
CA GLY A 4 -1.75 12.16 23.59
C GLY A 4 -2.22 11.79 25.00
N SER A 5 -3.46 12.15 25.31
CA SER A 5 -4.00 11.89 26.63
C SER A 5 -4.71 10.55 26.76
N MET A 6 -4.86 9.82 25.66
CA MET A 6 -5.57 8.55 25.70
C MET A 6 -4.59 7.39 25.83
N GLU A 7 -4.94 6.43 26.70
CA GLU A 7 -4.14 5.23 26.86
C GLU A 7 -3.92 4.49 25.54
N ARG A 8 -2.75 3.90 25.38
CA ARG A 8 -2.46 3.09 24.22
C ARG A 8 -3.51 2.00 24.01
N ALA A 9 -3.87 1.27 25.08
CA ALA A 9 -4.78 0.15 24.94
C ALA A 9 -6.16 0.65 24.52
N SER A 10 -6.55 1.83 25.03
CA SER A 10 -7.83 2.43 24.66
C SER A 10 -7.87 2.86 23.20
N LEU A 11 -6.74 3.36 22.70
CA LEU A 11 -6.65 3.73 21.29
C LEU A 11 -6.83 2.49 20.40
N ILE A 12 -6.19 1.38 20.78
CA ILE A 12 -6.31 0.15 20.04
C ILE A 12 -7.75 -0.37 20.09
N GLN A 13 -8.35 -0.35 21.30
CA GLN A 13 -9.73 -0.79 21.46
C GLN A 13 -10.65 0.03 20.57
N LYS A 14 -10.46 1.35 20.57
CA LYS A 14 -11.30 2.21 19.76
C LYS A 14 -11.05 2.08 18.27
N ALA A 15 -9.81 1.79 17.86
CA ALA A 15 -9.54 1.50 16.46
C ALA A 15 -10.37 0.30 15.99
N LYS A 16 -10.48 -0.73 16.84
CA LYS A 16 -11.24 -1.91 16.49
C LYS A 16 -12.74 -1.59 16.42
N LEU A 17 -13.23 -0.74 17.31
CA LEU A 17 -14.62 -0.30 17.24
C LEU A 17 -14.87 0.50 15.95
N ALA A 18 -13.95 1.41 15.62
CA ALA A 18 -14.08 2.23 14.43
C ALA A 18 -14.12 1.36 13.18
N GLU A 19 -13.31 0.30 13.15
CA GLU A 19 -13.34 -0.64 12.04
C GLU A 19 -14.73 -1.26 11.91
N GLN A 20 -15.29 -1.72 13.04
CA GLN A 20 -16.61 -2.33 13.00
C GLN A 20 -17.68 -1.38 12.48
N ALA A 21 -17.53 -0.09 12.82
CA ALA A 21 -18.44 0.96 12.39
C ALA A 21 -18.12 1.56 11.03
N GLU A 22 -17.08 1.03 10.37
CA GLU A 22 -16.62 1.53 9.07
C GLU A 22 -16.27 3.02 9.12
N ARG A 23 -15.67 3.43 10.25
CA ARG A 23 -15.24 4.79 10.48
C ARG A 23 -13.72 4.84 10.32
N TYR A 24 -13.26 4.77 9.08
CA TYR A 24 -11.85 4.54 8.83
C TYR A 24 -10.95 5.74 9.12
N GLU A 25 -11.49 6.96 8.97
CA GLU A 25 -10.73 8.15 9.36
C GLU A 25 -10.48 8.13 10.86
N ASP A 26 -11.51 7.82 11.64
CA ASP A 26 -11.33 7.67 13.07
C ASP A 26 -10.33 6.56 13.40
N MET A 27 -10.46 5.43 12.70
CA MET A 27 -9.58 4.30 12.94
C MET A 27 -8.13 4.71 12.73
N ALA A 28 -7.88 5.46 11.64
CA ALA A 28 -6.54 5.89 11.32
C ALA A 28 -5.99 6.85 12.39
N ALA A 29 -6.85 7.76 12.86
CA ALA A 29 -6.42 8.69 13.89
C ALA A 29 -6.08 7.98 15.20
N PHE A 30 -6.88 6.97 15.56
CA PHE A 30 -6.58 6.20 16.75
C PHE A 30 -5.26 5.45 16.61
N MET A 31 -5.05 4.85 15.43
CA MET A 31 -3.83 4.08 15.23
C MET A 31 -2.61 4.97 15.14
N LYS A 32 -2.74 6.18 14.58
CA LYS A 32 -1.65 7.15 14.60
C LYS A 32 -1.29 7.49 16.04
N GLY A 33 -2.33 7.69 16.86
CA GLY A 33 -2.09 7.94 18.27
C GLY A 33 -1.35 6.80 18.96
N ALA A 34 -1.75 5.57 18.63
CA ALA A 34 -1.09 4.40 19.20
C ALA A 34 0.37 4.33 18.78
N VAL A 35 0.67 4.57 17.50
CA VAL A 35 2.04 4.55 17.04
C VAL A 35 2.86 5.61 17.80
N GLU A 36 2.28 6.79 17.99
CA GLU A 36 3.01 7.88 18.61
C GLU A 36 3.27 7.67 20.10
N LYS A 37 2.71 6.62 20.70
CA LYS A 37 3.12 6.24 22.04
C LYS A 37 4.56 5.76 22.12
N GLY A 38 5.12 5.35 20.97
CA GLY A 38 6.53 5.04 20.88
C GLY A 38 6.92 3.58 21.01
N GLU A 39 5.97 2.73 21.40
CA GLU A 39 6.24 1.31 21.51
C GLU A 39 6.07 0.66 20.13
N GLU A 40 6.79 -0.45 19.94
CA GLU A 40 6.59 -1.25 18.76
C GLU A 40 5.16 -1.80 18.69
N LEU A 41 4.72 -2.13 17.47
CA LEU A 41 3.38 -2.66 17.23
C LEU A 41 3.44 -4.17 17.09
N SER A 42 2.45 -4.83 17.65
CA SER A 42 2.25 -6.25 17.42
C SER A 42 1.76 -6.49 15.98
N CYS A 43 1.72 -7.76 15.60
CA CYS A 43 1.19 -8.11 14.29
C CYS A 43 -0.24 -7.60 14.09
N GLU A 44 -1.10 -7.83 15.08
CA GLU A 44 -2.48 -7.39 14.97
C GLU A 44 -2.54 -5.86 14.84
N GLU A 45 -1.74 -5.16 15.64
CA GLU A 45 -1.74 -3.70 15.62
C GLU A 45 -1.21 -3.16 14.29
N ARG A 46 -0.18 -3.79 13.72
CA ARG A 46 0.30 -3.39 12.41
C ARG A 46 -0.79 -3.49 11.37
N ASN A 47 -1.58 -4.56 11.43
CA ASN A 47 -2.66 -4.76 10.49
C ASN A 47 -3.80 -3.76 10.69
N LEU A 48 -4.06 -3.35 11.93
CA LEU A 48 -5.03 -2.29 12.18
C LEU A 48 -4.58 -0.97 11.54
N LEU A 49 -3.29 -0.67 11.70
CA LEU A 49 -2.73 0.55 11.11
C LEU A 49 -2.90 0.52 9.59
N SER A 50 -2.52 -0.60 8.97
CA SER A 50 -2.58 -0.67 7.52
CA SER A 50 -2.59 -0.73 7.52
C SER A 50 -4.02 -0.64 7.01
N VAL A 51 -4.94 -1.35 7.66
CA VAL A 51 -6.32 -1.35 7.21
C VAL A 51 -6.90 0.07 7.24
N ALA A 52 -6.61 0.78 8.32
CA ALA A 52 -7.18 2.11 8.49
C ALA A 52 -6.74 3.02 7.35
N TYR A 53 -5.43 3.15 7.16
CA TYR A 53 -4.93 4.06 6.15
C TYR A 53 -5.22 3.59 4.73
N LYS A 54 -5.27 2.27 4.50
CA LYS A 54 -5.59 1.76 3.18
C LYS A 54 -6.97 2.22 2.76
N ASN A 55 -7.91 2.16 3.69
CA ASN A 55 -9.27 2.55 3.42
C ASN A 55 -9.38 4.06 3.20
N VAL A 56 -8.68 4.85 4.03
CA VAL A 56 -8.73 6.30 3.88
C VAL A 56 -8.15 6.69 2.51
N VAL A 57 -6.93 6.24 2.21
CA VAL A 57 -6.29 6.65 0.98
C VAL A 57 -7.00 6.03 -0.22
N GLY A 58 -7.58 4.84 -0.04
CA GLY A 58 -8.29 4.21 -1.12
C GLY A 58 -9.48 5.05 -1.59
N GLY A 59 -10.18 5.64 -0.64
CA GLY A 59 -11.29 6.53 -0.98
C GLY A 59 -10.79 7.78 -1.68
N GLN A 60 -9.68 8.32 -1.20
CA GLN A 60 -9.11 9.51 -1.83
C GLN A 60 -8.65 9.23 -3.27
N ARG A 61 -8.01 8.08 -3.47
CA ARG A 61 -7.53 7.70 -4.80
C ARG A 61 -8.71 7.55 -5.75
N ALA A 62 -9.79 6.90 -5.28
CA ALA A 62 -10.95 6.73 -6.13
C ALA A 62 -11.53 8.09 -6.53
N ALA A 63 -11.60 9.02 -5.57
CA ALA A 63 -12.13 10.35 -5.85
C ALA A 63 -11.22 11.10 -6.82
N TRP A 64 -9.91 11.01 -6.58
CA TRP A 64 -8.95 11.66 -7.45
C TRP A 64 -9.10 11.18 -8.89
N ARG A 65 -9.30 9.87 -9.06
CA ARG A 65 -9.43 9.33 -10.41
C ARG A 65 -10.67 9.86 -11.11
N VAL A 66 -11.79 9.99 -10.37
CA VAL A 66 -13.01 10.54 -10.95
C VAL A 66 -12.76 11.96 -11.43
N LEU A 67 -12.15 12.76 -10.55
CA LEU A 67 -11.95 14.16 -10.86
C LEU A 67 -10.92 14.35 -11.99
N SER A 68 -9.85 13.55 -11.99
CA SER A 68 -8.86 13.60 -13.04
CA SER A 68 -8.87 13.62 -13.05
C SER A 68 -9.47 13.27 -14.41
N SER A 69 -10.39 12.30 -14.45
CA SER A 69 -11.06 11.95 -15.69
C SER A 69 -11.92 13.11 -16.20
N ILE A 70 -12.62 13.77 -15.28
CA ILE A 70 -13.42 14.93 -15.65
C ILE A 70 -12.52 16.04 -16.19
N GLU A 71 -11.39 16.25 -15.51
CA GLU A 71 -10.45 17.28 -15.91
C GLU A 71 -9.88 16.98 -17.30
N GLN A 72 -9.51 15.72 -17.55
CA GLN A 72 -8.97 15.32 -18.85
C GLN A 72 -9.96 15.59 -19.97
N LYS A 73 -11.24 15.24 -19.72
CA LYS A 73 -12.29 15.48 -20.71
C LYS A 73 -12.45 16.97 -21.00
N SER A 74 -12.30 17.80 -19.96
CA SER A 74 -12.43 19.24 -20.11
C SER A 74 -11.35 19.86 -21.00
N ASN A 75 -10.24 19.15 -21.18
CA ASN A 75 -9.13 19.64 -22.00
C ASN A 75 -9.07 19.00 -23.39
N GLU A 76 -10.14 18.30 -23.77
CA GLU A 76 -10.30 17.81 -25.14
C GLU A 76 -10.81 18.91 -26.06
N GLU A 77 -10.52 18.77 -27.36
CA GLU A 77 -11.04 19.67 -28.37
C GLU A 77 -12.56 19.58 -28.39
N GLY A 78 -13.21 20.74 -28.45
CA GLY A 78 -14.66 20.81 -28.51
C GLY A 78 -15.34 20.94 -27.15
N SER A 79 -14.58 20.71 -26.06
CA SER A 79 -15.09 20.90 -24.71
C SER A 79 -15.22 22.38 -24.36
N GLU A 80 -16.37 22.78 -23.79
CA GLU A 80 -16.63 24.16 -23.43
C GLU A 80 -15.82 24.51 -22.17
N GLU A 81 -15.33 25.74 -22.12
CA GLU A 81 -14.58 26.23 -20.97
C GLU A 81 -15.52 26.36 -19.78
N LYS A 82 -15.16 25.72 -18.65
CA LYS A 82 -15.98 25.75 -17.45
C LYS A 82 -15.31 26.48 -16.30
N GLY A 83 -14.10 27.01 -16.55
CA GLY A 83 -13.37 27.74 -15.53
C GLY A 83 -12.42 26.87 -14.71
N PRO A 84 -11.88 27.42 -13.61
CA PRO A 84 -10.83 26.75 -12.86
C PRO A 84 -11.31 25.71 -11.85
N GLU A 85 -12.63 25.54 -11.73
CA GLU A 85 -13.16 24.77 -10.61
C GLU A 85 -12.79 23.28 -10.61
N VAL A 86 -12.81 22.63 -11.78
CA VAL A 86 -12.45 21.21 -11.82
C VAL A 86 -11.00 21.02 -11.35
N ARG A 87 -10.09 21.82 -11.91
CA ARG A 87 -8.69 21.75 -11.51
C ARG A 87 -8.53 22.04 -10.02
N GLU A 88 -9.20 23.09 -9.54
CA GLU A 88 -9.08 23.45 -8.14
C GLU A 88 -9.52 22.29 -7.25
N TYR A 89 -10.65 21.67 -7.56
CA TYR A 89 -11.16 20.64 -6.68
C TYR A 89 -10.31 19.37 -6.77
N ARG A 90 -9.86 19.02 -7.98
CA ARG A 90 -8.92 17.92 -8.12
C ARG A 90 -7.66 18.18 -7.29
N GLU A 91 -7.15 19.41 -7.35
CA GLU A 91 -6.00 19.79 -6.53
C GLU A 91 -6.27 19.68 -5.04
N LYS A 92 -7.48 20.03 -4.60
CA LYS A 92 -7.84 19.92 -3.19
C LYS A 92 -7.77 18.47 -2.74
N VAL A 93 -8.40 17.59 -3.52
CA VAL A 93 -8.39 16.18 -3.17
C VAL A 93 -6.97 15.62 -3.21
N GLU A 94 -6.22 16.01 -4.24
CA GLU A 94 -4.83 15.61 -4.37
C GLU A 94 -3.99 16.00 -3.16
N THR A 95 -4.16 17.24 -2.71
CA THR A 95 -3.39 17.72 -1.58
C THR A 95 -3.74 16.93 -0.32
N GLU A 96 -5.03 16.61 -0.12
CA GLU A 96 -5.46 15.81 1.01
CA GLU A 96 -5.41 15.82 1.04
C GLU A 96 -4.83 14.41 0.95
N LEU A 97 -4.86 13.80 -0.24
CA LEU A 97 -4.25 12.49 -0.45
C LEU A 97 -2.75 12.51 -0.12
N GLN A 98 -2.05 13.52 -0.65
CA GLN A 98 -0.62 13.63 -0.40
C GLN A 98 -0.39 13.79 1.09
N GLY A 99 -1.26 14.53 1.78
CA GLY A 99 -1.14 14.68 3.21
C GLY A 99 -1.24 13.37 3.98
N VAL A 100 -2.17 12.51 3.58
CA VAL A 100 -2.32 11.20 4.23
C VAL A 100 -1.08 10.34 3.96
N CYS A 101 -0.60 10.34 2.72
CA CYS A 101 0.61 9.62 2.41
C CYS A 101 1.79 10.12 3.25
N ASP A 102 1.93 11.44 3.35
CA ASP A 102 3.02 12.00 4.13
C ASP A 102 2.90 11.63 5.61
N THR A 103 1.66 11.56 6.11
CA THR A 103 1.42 11.13 7.48
C THR A 103 1.91 9.70 7.69
N VAL A 104 1.52 8.79 6.80
CA VAL A 104 1.94 7.41 6.93
C VAL A 104 3.47 7.29 6.84
N LEU A 105 4.04 7.94 5.82
CA LEU A 105 5.48 7.86 5.62
C LEU A 105 6.19 8.43 6.85
N GLY A 106 5.60 9.47 7.45
CA GLY A 106 6.17 10.04 8.65
C GLY A 106 6.19 9.07 9.83
N LEU A 107 5.12 8.31 10.01
CA LEU A 107 5.06 7.31 11.07
C LEU A 107 6.11 6.22 10.84
N LEU A 108 6.28 5.81 9.57
CA LEU A 108 7.24 4.78 9.25
C LEU A 108 8.66 5.28 9.54
N ASP A 109 8.93 6.55 9.24
CA ASP A 109 10.25 7.11 9.44
C ASP A 109 10.51 7.53 10.89
N SER A 110 9.45 7.71 11.68
CA SER A 110 9.56 8.21 13.03
C SER A 110 8.62 7.45 13.96
N HIS A 111 8.94 6.20 14.34
CA HIS A 111 10.21 5.52 14.13
C HIS A 111 9.99 4.02 13.90
N LEU A 112 8.91 3.69 13.17
CA LEU A 112 8.54 2.28 13.06
C LEU A 112 9.61 1.42 12.37
N ILE A 113 10.12 1.88 11.22
CA ILE A 113 11.06 1.05 10.48
C ILE A 113 12.35 0.84 11.25
N LYS A 114 12.90 1.91 11.86
CA LYS A 114 14.20 1.76 12.48
C LYS A 114 14.20 0.81 13.67
N GLU A 115 13.04 0.62 14.31
CA GLU A 115 12.94 -0.30 15.44
C GLU A 115 12.51 -1.71 15.03
N ALA A 116 12.13 -1.91 13.77
CA ALA A 116 11.65 -3.19 13.28
C ALA A 116 12.80 -4.10 12.86
N GLY A 117 13.05 -5.12 13.68
CA GLY A 117 14.15 -6.04 13.44
C GLY A 117 13.74 -7.41 12.92
N ASP A 118 12.54 -7.84 13.26
CA ASP A 118 12.06 -9.13 12.78
C ASP A 118 11.62 -8.98 11.33
N ALA A 119 11.78 -10.04 10.56
CA ALA A 119 11.44 -9.95 9.15
C ALA A 119 9.97 -9.59 8.93
N GLU A 120 9.07 -10.15 9.74
CA GLU A 120 7.66 -9.95 9.52
C GLU A 120 7.30 -8.48 9.70
N SER A 121 7.91 -7.81 10.69
CA SER A 121 7.62 -6.40 10.89
C SER A 121 8.33 -5.53 9.85
N ARG A 122 9.61 -5.80 9.64
CA ARG A 122 10.39 -4.96 8.75
C ARG A 122 9.87 -5.00 7.32
N VAL A 123 9.57 -6.21 6.81
CA VAL A 123 9.00 -6.34 5.48
C VAL A 123 7.64 -5.64 5.38
N PHE A 124 6.81 -5.83 6.41
CA PHE A 124 5.51 -5.18 6.43
C PHE A 124 5.62 -3.66 6.29
N TYR A 125 6.52 -3.07 7.09
CA TYR A 125 6.66 -1.62 7.06
C TYR A 125 7.30 -1.10 5.77
N LEU A 126 8.29 -1.83 5.24
CA LEU A 126 8.89 -1.42 3.98
C LEU A 126 7.89 -1.55 2.82
N LYS A 127 7.06 -2.60 2.83
CA LYS A 127 5.98 -2.70 1.85
C LYS A 127 5.07 -1.47 1.95
N MET A 128 4.72 -1.07 3.17
CA MET A 128 3.88 0.11 3.35
CA MET A 128 3.90 0.12 3.36
C MET A 128 4.58 1.35 2.77
N LYS A 129 5.88 1.50 3.04
CA LYS A 129 6.62 2.64 2.51
C LYS A 129 6.53 2.64 0.98
N GLY A 130 6.76 1.49 0.35
CA GLY A 130 6.63 1.40 -1.09
C GLY A 130 5.23 1.76 -1.60
N ASP A 131 4.22 1.25 -0.91
CA ASP A 131 2.83 1.52 -1.27
C ASP A 131 2.52 3.01 -1.24
N TYR A 132 2.92 3.70 -0.15
CA TYR A 132 2.51 5.09 -0.03
C TYR A 132 3.33 5.99 -0.94
N TYR A 133 4.59 5.65 -1.22
CA TYR A 133 5.30 6.34 -2.29
C TYR A 133 4.65 6.07 -3.65
N ARG A 134 4.16 4.84 -3.87
CA ARG A 134 3.44 4.54 -5.08
C ARG A 134 2.19 5.40 -5.24
N TYR A 135 1.44 5.59 -4.15
CA TYR A 135 0.29 6.48 -4.22
C TYR A 135 0.68 7.93 -4.52
N LEU A 136 1.81 8.38 -3.94
CA LEU A 136 2.32 9.70 -4.31
C LEU A 136 2.70 9.75 -5.79
N ALA A 137 3.27 8.66 -6.30
CA ALA A 137 3.68 8.64 -7.70
C ALA A 137 2.48 8.71 -8.65
N GLU A 138 1.35 8.12 -8.23
CA GLU A 138 0.17 8.12 -9.08
C GLU A 138 -0.29 9.53 -9.43
N VAL A 139 -0.06 10.48 -8.53
CA VAL A 139 -0.54 11.84 -8.71
C VAL A 139 0.56 12.84 -9.05
N ALA A 140 1.81 12.36 -9.10
CA ALA A 140 2.96 13.21 -9.37
C ALA A 140 3.07 13.54 -10.85
N THR A 141 3.38 14.81 -11.14
CA THR A 141 3.53 15.29 -12.51
C THR A 141 4.72 16.22 -12.70
N GLY A 142 5.44 16.52 -11.60
CA GLY A 142 6.49 17.53 -11.62
C GLY A 142 7.91 17.00 -11.58
N ASP A 143 8.82 17.86 -11.11
CA ASP A 143 10.25 17.61 -11.16
C ASP A 143 10.74 16.50 -10.23
N ASP A 144 9.92 16.15 -9.23
CA ASP A 144 10.26 15.12 -8.28
C ASP A 144 9.66 13.75 -8.57
N LYS A 145 8.91 13.63 -9.67
CA LYS A 145 8.25 12.37 -10.00
C LYS A 145 9.24 11.22 -10.05
N LYS A 146 10.38 11.42 -10.72
CA LYS A 146 11.36 10.36 -10.80
C LYS A 146 11.87 9.96 -9.42
N ARG A 147 12.10 10.94 -8.54
CA ARG A 147 12.62 10.61 -7.22
C ARG A 147 11.54 9.91 -6.38
N ILE A 148 10.26 10.28 -6.56
CA ILE A 148 9.20 9.58 -5.84
C ILE A 148 9.11 8.12 -6.27
N ILE A 149 9.15 7.91 -7.58
CA ILE A 149 9.15 6.56 -8.12
C ILE A 149 10.33 5.76 -7.58
N ASP A 150 11.51 6.39 -7.54
CA ASP A 150 12.69 5.68 -7.06
C ASP A 150 12.57 5.36 -5.58
N SER A 151 11.94 6.24 -4.80
CA SER A 151 11.71 5.96 -3.39
C SER A 151 10.81 4.75 -3.19
N ALA A 152 9.75 4.65 -4.00
CA ALA A 152 8.90 3.48 -3.93
C ALA A 152 9.70 2.22 -4.28
N ARG A 153 10.39 2.27 -5.41
CA ARG A 153 11.18 1.15 -5.88
CA ARG A 153 11.17 1.14 -5.89
C ARG A 153 12.15 0.67 -4.81
N SER A 154 12.88 1.62 -4.21
CA SER A 154 13.90 1.30 -3.22
C SER A 154 13.31 0.60 -2.00
N ALA A 155 12.16 1.10 -1.52
CA ALA A 155 11.51 0.49 -0.38
C ALA A 155 11.04 -0.94 -0.70
N TYR A 156 10.35 -1.10 -1.84
CA TYR A 156 9.92 -2.42 -2.27
C TYR A 156 11.10 -3.37 -2.41
N GLN A 157 12.21 -2.88 -2.99
CA GLN A 157 13.34 -3.75 -3.25
C GLN A 157 13.99 -4.22 -1.95
N GLU A 158 14.11 -3.33 -0.96
CA GLU A 158 14.63 -3.75 0.33
C GLU A 158 13.74 -4.79 0.97
N ALA A 159 12.42 -4.57 0.90
CA ALA A 159 11.46 -5.53 1.42
C ALA A 159 11.58 -6.88 0.72
N MET A 160 11.75 -6.86 -0.61
CA MET A 160 11.86 -8.08 -1.39
CA MET A 160 11.86 -8.08 -1.39
C MET A 160 13.11 -8.84 -0.95
N ASP A 161 14.22 -8.12 -0.80
CA ASP A 161 15.46 -8.79 -0.46
C ASP A 161 15.35 -9.50 0.89
N ILE A 162 14.76 -8.82 1.89
CA ILE A 162 14.58 -9.45 3.19
C ILE A 162 13.62 -10.63 3.10
N SER A 163 12.51 -10.44 2.40
CA SER A 163 11.49 -11.47 2.33
C SER A 163 12.03 -12.76 1.69
N LYS A 164 12.88 -12.62 0.67
CA LYS A 164 13.40 -13.80 -0.01
CA LYS A 164 13.43 -13.77 -0.02
C LYS A 164 14.37 -14.55 0.89
N LYS A 165 15.13 -13.83 1.73
CA LYS A 165 16.08 -14.46 2.63
C LYS A 165 15.43 -15.08 3.85
N GLU A 166 14.38 -14.43 4.38
CA GLU A 166 13.89 -14.73 5.72
C GLU A 166 12.51 -15.36 5.84
N MET A 167 11.74 -15.41 4.75
CA MET A 167 10.36 -15.84 4.77
CA MET A 167 10.38 -15.88 4.81
C MET A 167 10.16 -16.96 3.75
N PRO A 168 9.25 -17.94 4.01
CA PRO A 168 8.94 -18.92 3.00
C PRO A 168 8.17 -18.29 1.84
N PRO A 169 8.18 -18.92 0.65
CA PRO A 169 7.53 -18.33 -0.51
C PRO A 169 6.02 -18.21 -0.40
N THR A 170 5.42 -18.93 0.56
CA THR A 170 3.98 -18.86 0.81
C THR A 170 3.59 -17.81 1.85
N ASN A 171 4.57 -17.16 2.50
CA ASN A 171 4.22 -16.22 3.55
C ASN A 171 3.33 -15.12 3.00
N PRO A 172 2.14 -14.82 3.58
CA PRO A 172 1.24 -13.83 3.03
C PRO A 172 1.82 -12.43 2.87
N ILE A 173 2.72 -12.02 3.78
CA ILE A 173 3.35 -10.71 3.65
C ILE A 173 4.25 -10.71 2.42
N ARG A 174 5.06 -11.77 2.27
CA ARG A 174 5.90 -11.89 1.09
C ARG A 174 5.06 -11.87 -0.19
N LEU A 175 3.96 -12.63 -0.22
CA LEU A 175 3.10 -12.69 -1.39
C LEU A 175 2.47 -11.34 -1.72
N GLY A 176 1.97 -10.65 -0.69
CA GLY A 176 1.34 -9.36 -0.89
C GLY A 176 2.33 -8.30 -1.35
N LEU A 177 3.54 -8.34 -0.78
CA LEU A 177 4.62 -7.49 -1.24
C LEU A 177 4.89 -7.68 -2.72
N ALA A 178 5.01 -8.93 -3.14
CA ALA A 178 5.30 -9.22 -4.53
C ALA A 178 4.16 -8.76 -5.44
N LEU A 179 2.92 -9.02 -5.01
CA LEU A 179 1.74 -8.57 -5.74
C LEU A 179 1.81 -7.06 -6.00
N ASN A 180 2.10 -6.32 -4.94
CA ASN A 180 2.07 -4.87 -5.05
C ASN A 180 3.27 -4.32 -5.82
N PHE A 181 4.46 -4.92 -5.64
CA PHE A 181 5.63 -4.50 -6.38
C PHE A 181 5.43 -4.79 -7.87
N SER A 182 4.79 -5.93 -8.20
CA SER A 182 4.44 -6.23 -9.57
CA SER A 182 4.46 -6.23 -9.58
C SER A 182 3.54 -5.16 -10.16
N VAL A 183 2.52 -4.73 -9.40
CA VAL A 183 1.67 -3.64 -9.86
C VAL A 183 2.46 -2.32 -10.02
N PHE A 184 3.38 -2.02 -9.10
CA PHE A 184 4.28 -0.89 -9.27
C PHE A 184 4.98 -0.96 -10.63
N HIS A 185 5.53 -2.13 -10.96
CA HIS A 185 6.22 -2.26 -12.23
C HIS A 185 5.30 -1.94 -13.41
N TYR A 186 4.08 -2.49 -13.36
CA TYR A 186 3.16 -2.38 -14.48
C TYR A 186 2.61 -0.95 -14.63
N GLU A 187 2.15 -0.39 -13.51
CA GLU A 187 1.37 0.85 -13.52
C GLU A 187 2.19 2.13 -13.34
N ILE A 188 3.33 2.02 -12.66
CA ILE A 188 4.15 3.18 -12.32
C ILE A 188 5.45 3.24 -13.10
N ALA A 189 6.16 2.11 -13.18
CA ALA A 189 7.51 2.08 -13.74
C ALA A 189 7.56 1.75 -15.23
N ASN A 190 6.39 1.61 -15.86
CA ASN A 190 6.33 1.33 -17.30
C ASN A 190 7.14 0.09 -17.66
N SER A 191 7.00 -0.95 -16.82
CA SER A 191 7.78 -2.18 -16.94
C SER A 191 6.84 -3.37 -16.88
N PRO A 192 5.93 -3.53 -17.88
CA PRO A 192 4.97 -4.62 -17.81
C PRO A 192 5.63 -6.01 -17.83
N GLU A 193 6.73 -6.18 -18.56
CA GLU A 193 7.38 -7.48 -18.59
C GLU A 193 7.91 -7.87 -17.20
N GLU A 194 8.49 -6.91 -16.49
CA GLU A 194 8.96 -7.17 -15.13
C GLU A 194 7.78 -7.50 -14.22
N ALA A 195 6.68 -6.77 -14.39
CA ALA A 195 5.49 -7.04 -13.60
C ALA A 195 5.00 -8.48 -13.77
N ILE A 196 4.94 -8.92 -15.02
CA ILE A 196 4.45 -10.25 -15.35
C ILE A 196 5.42 -11.31 -14.83
N SER A 197 6.73 -11.10 -15.06
CA SER A 197 7.74 -12.06 -14.60
CA SER A 197 7.72 -12.07 -14.61
C SER A 197 7.65 -12.22 -13.09
N LEU A 198 7.57 -11.10 -12.37
CA LEU A 198 7.51 -11.18 -10.92
C LEU A 198 6.26 -11.91 -10.44
N ALA A 199 5.11 -11.59 -11.02
CA ALA A 199 3.89 -12.24 -10.59
C ALA A 199 3.94 -13.75 -10.86
N LYS A 200 4.46 -14.15 -12.02
CA LYS A 200 4.50 -15.56 -12.38
CA LYS A 200 4.54 -15.54 -12.41
C LYS A 200 5.48 -16.32 -11.48
N THR A 201 6.69 -15.78 -11.27
CA THR A 201 7.68 -16.46 -10.45
C THR A 201 7.16 -16.59 -9.02
N THR A 202 6.54 -15.51 -8.51
CA THR A 202 6.00 -15.54 -7.17
C THR A 202 4.96 -16.64 -7.04
N PHE A 203 4.02 -16.69 -8.00
CA PHE A 203 2.97 -17.68 -7.97
C PHE A 203 3.55 -19.09 -7.96
N ASP A 204 4.49 -19.33 -8.87
CA ASP A 204 5.02 -20.67 -9.07
C ASP A 204 5.82 -21.15 -7.86
N GLU A 205 6.55 -20.25 -7.23
CA GLU A 205 7.34 -20.62 -6.07
C GLU A 205 6.45 -20.86 -4.87
N ALA A 206 5.36 -20.10 -4.76
CA ALA A 206 4.40 -20.37 -3.71
C ALA A 206 3.72 -21.72 -3.90
N MET A 207 3.29 -22.01 -5.14
CA MET A 207 2.62 -23.26 -5.46
CA MET A 207 2.58 -23.25 -5.40
C MET A 207 3.41 -24.45 -4.94
N ALA A 208 4.73 -24.41 -5.20
CA ALA A 208 5.64 -25.47 -4.85
C ALA A 208 5.85 -25.67 -3.35
N ASP A 209 5.47 -24.67 -2.54
CA ASP A 209 5.63 -24.74 -1.09
C ASP A 209 4.32 -24.96 -0.33
N LEU A 210 3.18 -25.01 -1.04
CA LEU A 210 1.90 -25.18 -0.37
C LEU A 210 1.80 -26.49 0.42
N HIS A 211 2.54 -27.50 -0.03
CA HIS A 211 2.47 -28.81 0.61
C HIS A 211 2.91 -28.82 2.07
N THR A 212 3.64 -27.76 2.47
CA THR A 212 4.20 -27.64 3.82
C THR A 212 3.21 -27.08 4.83
N LEU A 213 2.06 -26.61 4.34
CA LEU A 213 1.16 -25.78 5.10
C LEU A 213 -0.02 -26.52 5.73
N SER A 214 -0.47 -26.02 6.87
CA SER A 214 -1.75 -26.39 7.43
C SER A 214 -2.90 -25.93 6.55
N GLU A 215 -4.10 -26.45 6.83
CA GLU A 215 -5.30 -26.06 6.12
C GLU A 215 -5.51 -24.55 6.19
N ASP A 216 -5.37 -23.96 7.39
CA ASP A 216 -5.62 -22.55 7.54
C ASP A 216 -4.56 -21.69 6.83
N SER A 217 -3.28 -22.09 6.90
CA SER A 217 -2.24 -21.36 6.18
C SER A 217 -2.42 -21.46 4.67
N TYR A 218 -2.83 -22.64 4.21
CA TYR A 218 -3.10 -22.85 2.80
C TYR A 218 -4.17 -21.90 2.28
N LYS A 219 -5.25 -21.73 3.05
CA LYS A 219 -6.30 -20.80 2.69
C LYS A 219 -5.77 -19.37 2.54
N ASP A 220 -4.96 -18.93 3.51
CA ASP A 220 -4.40 -17.59 3.51
C ASP A 220 -3.52 -17.37 2.27
N SER A 221 -2.61 -18.31 2.01
CA SER A 221 -1.69 -18.15 0.90
C SER A 221 -2.40 -18.21 -0.45
N THR A 222 -3.31 -19.19 -0.61
CA THR A 222 -3.98 -19.35 -1.90
C THR A 222 -4.88 -18.17 -2.25
N LEU A 223 -5.39 -17.47 -1.25
CA LEU A 223 -6.16 -16.25 -1.50
C LEU A 223 -5.30 -15.22 -2.24
N ILE A 224 -4.08 -15.00 -1.75
CA ILE A 224 -3.24 -13.99 -2.38
C ILE A 224 -2.72 -14.51 -3.72
N MET A 225 -2.43 -15.81 -3.80
CA MET A 225 -2.01 -16.38 -5.07
C MET A 225 -3.05 -16.15 -6.15
N GLN A 226 -4.33 -16.19 -5.79
CA GLN A 226 -5.38 -15.95 -6.76
C GLN A 226 -5.34 -14.51 -7.28
N LEU A 227 -4.96 -13.55 -6.42
CA LEU A 227 -4.79 -12.17 -6.85
C LEU A 227 -3.65 -12.02 -7.86
N LEU A 228 -2.54 -12.73 -7.65
CA LEU A 228 -1.46 -12.76 -8.63
C LEU A 228 -2.00 -13.30 -9.96
N ARG A 229 -2.74 -14.41 -9.92
CA ARG A 229 -3.30 -15.01 -11.12
C ARG A 229 -4.26 -14.04 -11.81
N ASP A 230 -5.06 -13.33 -11.01
CA ASP A 230 -6.01 -12.37 -11.57
C ASP A 230 -5.27 -11.28 -12.34
N ASN A 231 -4.19 -10.76 -11.76
CA ASN A 231 -3.41 -9.74 -12.45
C ASN A 231 -2.78 -10.30 -13.72
N LEU A 232 -2.21 -11.50 -13.63
CA LEU A 232 -1.63 -12.13 -14.82
C LEU A 232 -2.67 -12.28 -15.93
N THR A 233 -3.90 -12.63 -15.56
CA THR A 233 -4.96 -12.77 -16.54
C THR A 233 -5.31 -11.42 -17.19
N LEU A 234 -5.32 -10.37 -16.36
CA LEU A 234 -5.56 -9.02 -16.86
C LEU A 234 -4.48 -8.57 -17.86
N TRP A 235 -3.23 -8.99 -17.61
CA TRP A 235 -2.08 -8.49 -18.33
C TRP A 235 -1.60 -9.32 -19.52
N THR A 236 -2.18 -10.51 -19.68
CA THR A 236 -1.79 -11.42 -20.75
C THR A 236 -3.01 -11.84 -21.58
N PHE B 1 -8.47 -1.73 -12.91
CA PHE B 1 -7.33 -1.57 -12.01
C PHE B 1 -6.88 -2.92 -11.47
N PRO B 2 -5.56 -3.17 -11.37
CA PRO B 2 -5.08 -4.44 -10.85
C PRO B 2 -5.22 -4.57 -9.34
N ALA B 3 -5.15 -5.80 -8.87
CA ALA B 3 -5.30 -6.11 -7.46
C ALA B 3 -4.03 -5.77 -6.69
N TPO B 4 -4.22 -5.11 -5.55
CA TPO B 4 -3.18 -4.90 -4.55
CB TPO B 4 -2.59 -3.49 -4.63
CG2 TPO B 4 -1.88 -3.22 -5.95
OG1 TPO B 4 -3.72 -2.57 -4.48
P TPO B 4 -3.52 -0.99 -4.24
O1P TPO B 4 -3.17 -0.34 -5.55
O2P TPO B 4 -4.87 -0.55 -3.72
O3P TPO B 4 -2.41 -0.83 -3.24
C TPO B 4 -3.77 -5.17 -3.17
O TPO B 4 -4.98 -5.16 -3.01
N VAL B 5 -2.88 -5.42 -2.20
CA VAL B 5 -3.31 -5.68 -0.84
C VAL B 5 -2.68 -4.77 0.18
CA CA C . -0.20 4.45 29.61
CA CA D . -0.82 19.24 -6.91
N1 A1I0X E . -3.11 -8.37 3.60
C2 A1I0X E . -0.95 -9.05 2.68
C3 A1I0X E . 0.41 -8.85 2.56
C4 A1I0X E . 1.03 -7.80 3.21
C5 A1I0X E . 0.29 -6.94 3.99
C7 A1I0X E . -1.87 -6.14 4.98
C8 A1I0X E . -1.69 -8.17 3.48
C9 A1I0X E . -3.79 -9.55 3.79
C12 A1I0X E . -2.39 -9.72 6.71
C13 A1I0X E . -1.46 -9.88 7.73
C14 A1I0X E . -0.77 -11.08 7.87
C15 A1I0X E . 1.10 -10.38 9.39
C16 A1I0X E . 2.05 -11.05 10.36
C17 A1I0X E . -1.02 -12.11 6.97
C18 A1I0X E . -1.95 -11.93 5.96
C21 A1I0X E . -7.01 -11.16 1.80
C23 A1I0X E . -5.48 -9.31 1.94
C1 A1I0X E . -1.60 -10.20 1.96
C6 A1I0X E . -1.08 -7.09 4.13
C10 A1I0X E . -3.61 -10.58 4.71
C11 A1I0X E . -2.63 -10.73 5.80
N2 A1I0X E . 0.21 -11.26 8.88
O1 A1I0X E . 1.18 -9.19 9.12
N3 A1I0X E . -4.55 -11.56 4.50
C19 A1I0X E . -5.31 -11.16 3.48
C20 A1I0X E . -6.41 -11.78 2.85
C22 A1I0X E . -6.54 -9.91 1.35
N4 A1I0X E . -4.88 -9.94 3.00
CA CA F . 7.45 -9.84 -23.96
CA CA G . -19.53 24.74 -27.47
CL CL H . -11.79 23.42 -4.09
#